data_7RN9
#
_entry.id   7RN9
#
_cell.length_a   67.472
_cell.length_b   85.195
_cell.length_c   97.610
_cell.angle_alpha   90.000
_cell.angle_beta   90.000
_cell.angle_gamma   90.000
#
_symmetry.space_group_name_H-M   'P 21 21 21'
#
loop_
_entity.id
_entity.type
_entity.pdbx_description
1 polymer 'Caspase-3 subunit p17'
2 polymer 'Caspase-3 subunit p12'
3 polymer Ac-VDFVD-CHO
4 water water
#
loop_
_entity_poly.entity_id
_entity_poly.type
_entity_poly.pdbx_seq_one_letter_code
_entity_poly.pdbx_strand_id
1 'polypeptide(L)'
;DNSYKMDYPEMGLCIIINNKNFHKSTGMTSRSGTDVDAANLRETFRNLKYEVRNKNDLTREEIVELMRDVSKEDHSKRSS
FVCVLLSHGEEGIIFGTNGPVDLKKITNFFRGDRCRSLTGKPKLFIIQACRGTELDCGIET
;
A,C
2 'polypeptide(L)'
;CHKIPVEADFLYAYSTAPGYYSWRNSKDGSWFIQSLCAMLKQYADKLEFMHILTRVNRKVATEFESFSFDATFHAKKQIP
CIVSMLTKELYFYHH
;
B,D
3 'polypeptide(L)' (ACE)VDFV(ASA) F,G
#
# COMPACT_ATOMS: atom_id res chain seq x y z
N ASP A 1 21.80 -7.29 1.56
CA ASP A 1 21.14 -7.58 2.83
C ASP A 1 19.62 -7.63 2.66
N ASN A 2 19.01 -8.75 3.08
CA ASN A 2 17.60 -8.97 2.83
C ASN A 2 16.71 -8.57 3.99
N SER A 3 17.26 -8.34 5.17
CA SER A 3 16.49 -8.02 6.37
C SER A 3 17.08 -6.80 7.05
N TYR A 4 16.21 -5.93 7.56
CA TYR A 4 16.69 -4.77 8.30
C TYR A 4 17.49 -5.18 9.53
N LYS A 5 18.54 -4.42 9.80
CA LYS A 5 19.33 -4.63 11.02
C LYS A 5 18.52 -4.17 12.22
N MET A 6 18.13 -5.12 13.06
CA MET A 6 17.29 -4.82 14.22
C MET A 6 18.02 -5.03 15.54
N ASP A 7 19.36 -5.03 15.52
CA ASP A 7 20.13 -5.26 16.74
C ASP A 7 20.96 -4.04 17.13
N TYR A 8 20.48 -2.84 16.78
CA TYR A 8 20.98 -1.64 17.41
C TYR A 8 20.71 -1.71 18.92
N PRO A 9 21.36 -0.86 19.72
CA PRO A 9 21.10 -0.90 21.18
C PRO A 9 19.63 -0.75 21.56
N GLU A 10 18.83 -0.07 20.74
CA GLU A 10 17.43 0.19 21.03
C GLU A 10 16.59 -0.13 19.81
N MET A 11 15.43 -0.78 20.02
CA MET A 11 14.46 -0.93 18.92
C MET A 11 14.05 0.41 18.33
N GLY A 12 13.83 1.42 19.17
CA GLY A 12 13.42 2.72 18.73
C GLY A 12 12.23 3.24 19.50
N LEU A 13 11.78 4.42 19.09
CA LEU A 13 10.59 5.04 19.67
C LEU A 13 9.31 4.49 19.06
N CYS A 14 8.26 4.47 19.87
CA CYS A 14 6.89 4.22 19.44
C CYS A 14 6.05 5.37 19.97
N ILE A 15 5.74 6.32 19.10
CA ILE A 15 4.92 7.48 19.47
C ILE A 15 3.46 7.14 19.22
N ILE A 16 2.63 7.22 20.27
CA ILE A 16 1.19 6.96 20.15
C ILE A 16 0.44 8.26 20.38
N ILE A 17 -0.26 8.72 19.35
CA ILE A 17 -1.10 9.91 19.46
C ILE A 17 -2.55 9.47 19.53
N ASN A 18 -3.18 9.70 20.68
CA ASN A 18 -4.51 9.20 21.00
C ASN A 18 -5.46 10.38 21.12
N ASN A 19 -6.22 10.66 20.05
CA ASN A 19 -7.15 11.78 20.06
C ASN A 19 -8.57 11.25 20.30
N LYS A 20 -9.12 11.55 21.47
CA LYS A 20 -10.43 11.05 21.87
C LYS A 20 -11.50 12.13 21.86
N ASN A 21 -11.17 13.31 22.36
CA ASN A 21 -12.13 14.41 22.54
C ASN A 21 -11.76 15.55 21.61
N PHE A 22 -12.74 16.03 20.85
CA PHE A 22 -12.50 17.05 19.84
C PHE A 22 -13.29 18.31 20.16
N HIS A 23 -12.77 19.43 19.65
CA HIS A 23 -13.43 20.72 19.84
C HIS A 23 -14.83 20.71 19.24
N LYS A 24 -15.78 21.34 19.94
CA LYS A 24 -17.15 21.41 19.44
C LYS A 24 -17.19 22.06 18.06
N SER A 25 -16.25 22.98 17.78
CA SER A 25 -16.18 23.61 16.46
C SER A 25 -15.96 22.62 15.33
N THR A 26 -15.40 21.44 15.61
CA THR A 26 -15.15 20.46 14.56
C THR A 26 -16.37 19.60 14.25
N GLY A 27 -17.35 19.53 15.15
CA GLY A 27 -18.50 18.68 14.97
C GLY A 27 -18.19 17.20 15.07
N MET A 28 -17.00 16.83 15.54
N MET A 28 -17.08 16.85 15.69
CA MET A 28 -16.57 15.44 15.56
CA MET A 28 -16.52 15.51 15.66
C MET A 28 -16.93 14.77 16.88
C MET A 28 -16.90 14.76 16.94
N THR A 29 -17.35 13.52 16.77
CA THR A 29 -17.76 12.73 17.93
C THR A 29 -16.57 12.31 18.79
N SER A 30 -16.82 12.09 20.08
CA SER A 30 -15.79 11.55 20.94
C SER A 30 -15.59 10.07 20.63
N ARG A 31 -14.34 9.62 20.65
CA ARG A 31 -13.98 8.33 20.06
C ARG A 31 -13.90 7.25 21.12
N SER A 32 -15.07 6.91 21.67
CA SER A 32 -15.18 5.87 22.69
C SER A 32 -14.51 4.58 22.24
N GLY A 33 -13.64 4.05 23.09
CA GLY A 33 -12.89 2.84 22.81
C GLY A 33 -11.42 3.09 22.50
N THR A 34 -11.05 4.33 22.19
CA THR A 34 -9.68 4.60 21.77
C THR A 34 -8.70 4.51 22.94
N ASP A 35 -9.15 4.73 24.17
CA ASP A 35 -8.24 4.52 25.30
C ASP A 35 -7.85 3.05 25.40
N VAL A 36 -8.78 2.15 25.07
CA VAL A 36 -8.46 0.72 25.06
C VAL A 36 -7.39 0.44 24.03
N ASP A 37 -7.55 1.01 22.84
CA ASP A 37 -6.52 0.89 21.80
C ASP A 37 -5.17 1.40 22.29
N ALA A 38 -5.15 2.60 22.88
CA ALA A 38 -3.87 3.20 23.27
C ALA A 38 -3.16 2.35 24.30
N ALA A 39 -3.91 1.78 25.25
CA ALA A 39 -3.29 0.95 26.27
C ALA A 39 -2.80 -0.38 25.70
N ASN A 40 -3.59 -0.96 24.77
CA ASN A 40 -3.20 -2.18 24.06
C ASN A 40 -1.88 -1.97 23.32
N LEU A 41 -1.80 -0.86 22.58
CA LEU A 41 -0.59 -0.56 21.82
C LEU A 41 0.61 -0.35 22.75
N ARG A 42 0.40 0.38 23.85
CA ARG A 42 1.50 0.62 24.78
C ARG A 42 2.09 -0.69 25.27
N GLU A 43 1.22 -1.63 25.65
CA GLU A 43 1.71 -2.91 26.18
C GLU A 43 2.33 -3.74 25.07
N THR A 44 1.73 -3.73 23.89
CA THR A 44 2.25 -4.54 22.79
C THR A 44 3.64 -4.11 22.38
N PHE A 45 3.86 -2.81 22.24
CA PHE A 45 5.18 -2.35 21.82
C PHE A 45 6.18 -2.33 22.97
N ARG A 46 5.70 -2.24 24.22
CA ARG A 46 6.58 -2.47 25.36
C ARG A 46 7.19 -3.86 25.29
N ASN A 47 6.36 -4.86 25.02
CA ASN A 47 6.85 -6.24 24.93
C ASN A 47 7.78 -6.44 23.75
N LEU A 48 7.73 -5.57 22.74
CA LEU A 48 8.66 -5.59 21.61
C LEU A 48 9.92 -4.77 21.86
N LYS A 49 10.02 -4.15 23.04
CA LYS A 49 11.18 -3.37 23.53
C LYS A 49 11.28 -2.02 22.86
N TYR A 50 10.14 -1.42 22.49
CA TYR A 50 10.13 -0.04 22.04
C TYR A 50 9.98 0.90 23.22
N GLU A 51 10.57 2.08 23.07
CA GLU A 51 10.39 3.17 24.03
C GLU A 51 9.07 3.86 23.65
N VAL A 52 8.00 3.57 24.40
CA VAL A 52 6.67 4.05 24.04
C VAL A 52 6.43 5.40 24.67
N ARG A 53 5.86 6.32 23.89
CA ARG A 53 5.42 7.61 24.41
C ARG A 53 3.98 7.83 24.00
N ASN A 54 3.08 7.92 25.00
CA ASN A 54 1.66 8.13 24.76
C ASN A 54 1.33 9.61 24.90
N LYS A 55 0.66 10.16 23.89
CA LYS A 55 0.19 11.54 23.91
C LYS A 55 -1.31 11.57 23.67
N ASN A 56 -2.04 12.38 24.44
CA ASN A 56 -3.49 12.40 24.39
C ASN A 56 -4.00 13.77 23.95
N ASP A 57 -5.02 13.76 23.07
CA ASP A 57 -5.79 14.95 22.71
C ASP A 57 -4.89 16.11 22.28
N LEU A 58 -4.18 15.90 21.18
CA LEU A 58 -3.30 16.92 20.63
C LEU A 58 -4.00 17.73 19.55
N THR A 59 -3.82 19.04 19.60
CA THR A 59 -4.25 19.87 18.48
C THR A 59 -3.38 19.56 17.27
N ARG A 60 -3.82 20.02 16.09
CA ARG A 60 -3.04 19.79 14.89
C ARG A 60 -1.70 20.53 14.97
N GLU A 61 -1.66 21.69 15.62
CA GLU A 61 -0.38 22.35 15.83
C GLU A 61 0.54 21.52 16.74
N GLU A 62 -0.02 20.93 17.80
CA GLU A 62 0.79 20.11 18.69
C GLU A 62 1.27 18.82 18.02
N ILE A 63 0.46 18.25 17.13
CA ILE A 63 0.91 17.06 16.39
C ILE A 63 2.13 17.38 15.55
N VAL A 64 2.08 18.49 14.81
CA VAL A 64 3.19 18.86 13.93
C VAL A 64 4.43 19.18 14.76
N GLU A 65 4.27 19.90 15.87
CA GLU A 65 5.43 20.24 16.69
C GLU A 65 6.04 18.99 17.33
N LEU A 66 5.20 18.04 17.73
CA LEU A 66 5.71 16.80 18.31
C LEU A 66 6.50 16.01 17.27
N MET A 67 5.94 15.86 16.08
CA MET A 67 6.62 15.10 15.04
C MET A 67 7.91 15.79 14.62
N ARG A 68 7.88 17.11 14.46
CA ARG A 68 9.11 17.85 14.16
C ARG A 68 10.16 17.59 15.24
N ASP A 69 9.79 17.75 16.51
CA ASP A 69 10.74 17.54 17.60
C ASP A 69 11.31 16.12 17.59
N VAL A 70 10.44 15.12 17.42
CA VAL A 70 10.89 13.73 17.42
C VAL A 70 11.85 13.47 16.26
N SER A 71 11.56 14.03 15.08
CA SER A 71 12.42 13.80 13.92
C SER A 71 13.78 14.47 14.08
N LYS A 72 13.92 15.40 15.01
CA LYS A 72 15.18 16.08 15.26
C LYS A 72 15.99 15.44 16.37
N GLU A 73 15.46 14.39 17.02
CA GLU A 73 16.27 13.62 17.95
C GLU A 73 17.34 12.83 17.20
N ASP A 74 18.34 12.37 17.96
CA ASP A 74 19.39 11.49 17.45
C ASP A 74 18.91 10.05 17.59
N HIS A 75 18.52 9.45 16.46
CA HIS A 75 18.11 8.05 16.41
C HIS A 75 19.24 7.11 16.06
N SER A 76 20.50 7.54 16.19
CA SER A 76 21.63 6.74 15.70
C SER A 76 21.68 5.35 16.33
N LYS A 77 21.28 5.23 17.60
CA LYS A 77 21.34 3.96 18.31
C LYS A 77 20.01 3.20 18.28
N ARG A 78 19.08 3.62 17.42
CA ARG A 78 17.76 3.02 17.34
C ARG A 78 17.61 2.27 16.03
N SER A 79 16.94 1.11 16.08
CA SER A 79 16.80 0.27 14.88
C SER A 79 15.73 0.79 13.93
N SER A 80 14.72 1.47 14.45
CA SER A 80 13.50 1.71 13.69
C SER A 80 12.74 2.85 14.35
N PHE A 81 11.63 3.24 13.74
CA PHE A 81 10.74 4.24 14.32
C PHE A 81 9.30 3.84 14.06
N VAL A 82 8.45 3.98 15.08
CA VAL A 82 7.04 3.66 14.96
C VAL A 82 6.22 4.86 15.43
N CYS A 83 5.21 5.22 14.64
CA CYS A 83 4.23 6.24 15.02
C CYS A 83 2.83 5.68 14.82
N VAL A 84 1.99 5.77 15.84
CA VAL A 84 0.60 5.31 15.77
C VAL A 84 -0.30 6.51 15.93
N LEU A 85 -1.22 6.68 14.99
CA LEU A 85 -2.18 7.77 15.00
C LEU A 85 -3.58 7.18 15.19
N LEU A 86 -4.25 7.61 16.25
CA LEU A 86 -5.62 7.17 16.54
C LEU A 86 -6.49 8.42 16.55
N SER A 87 -7.31 8.59 15.52
CA SER A 87 -8.11 9.81 15.45
C SER A 87 -9.18 9.66 14.39
N HIS A 88 -9.95 10.73 14.20
N HIS A 88 -9.97 10.71 14.20
CA HIS A 88 -10.75 10.87 12.99
CA HIS A 88 -10.76 10.78 12.98
C HIS A 88 -9.84 11.19 11.81
C HIS A 88 -9.85 11.14 11.81
N GLY A 89 -10.35 10.93 10.60
CA GLY A 89 -9.58 11.24 9.42
C GLY A 89 -10.43 11.33 8.17
N GLU A 90 -9.78 11.79 7.11
CA GLU A 90 -10.27 11.74 5.73
C GLU A 90 -9.12 11.19 4.88
N GLU A 91 -9.37 10.97 3.61
CA GLU A 91 -8.28 10.47 2.74
C GLU A 91 -7.10 11.43 2.81
N GLY A 92 -5.93 10.92 3.23
CA GLY A 92 -4.72 11.72 3.31
C GLY A 92 -4.62 12.62 4.53
N ILE A 93 -5.57 12.53 5.46
CA ILE A 93 -5.74 13.52 6.52
C ILE A 93 -5.97 12.80 7.85
N ILE A 94 -5.36 13.34 8.91
CA ILE A 94 -5.62 12.94 10.29
C ILE A 94 -6.05 14.18 11.05
N PHE A 95 -6.93 14.01 12.04
CA PHE A 95 -7.46 15.16 12.77
C PHE A 95 -6.73 15.36 14.09
N GLY A 96 -6.24 16.58 14.30
CA GLY A 96 -6.02 17.05 15.64
C GLY A 96 -7.35 17.36 16.29
N THR A 97 -7.32 17.67 17.58
CA THR A 97 -8.55 17.97 18.30
C THR A 97 -9.30 19.15 17.70
N ASN A 98 -8.59 20.00 16.96
CA ASN A 98 -9.15 21.26 16.48
C ASN A 98 -9.18 21.39 14.97
N GLY A 99 -8.87 20.32 14.21
CA GLY A 99 -8.92 20.41 12.78
C GLY A 99 -7.94 19.50 12.08
N PRO A 100 -7.97 19.50 10.75
CA PRO A 100 -7.20 18.51 9.97
C PRO A 100 -5.74 18.89 9.80
N VAL A 101 -4.91 17.85 9.66
CA VAL A 101 -3.52 17.98 9.25
C VAL A 101 -3.21 16.91 8.20
N ASP A 102 -2.50 17.32 7.14
CA ASP A 102 -2.11 16.37 6.09
C ASP A 102 -1.15 15.33 6.64
N LEU A 103 -1.42 14.06 6.32
CA LEU A 103 -0.51 13.00 6.76
C LEU A 103 0.88 13.20 6.17
N LYS A 104 0.94 13.72 4.94
CA LYS A 104 2.21 13.95 4.30
C LYS A 104 3.06 14.95 5.09
N LYS A 105 2.44 15.95 5.71
CA LYS A 105 3.18 16.90 6.52
C LYS A 105 3.87 16.21 7.68
N ILE A 106 3.19 15.24 8.29
CA ILE A 106 3.75 14.49 9.42
C ILE A 106 4.89 13.58 8.96
N THR A 107 4.64 12.81 7.90
CA THR A 107 5.63 11.81 7.52
C THR A 107 6.84 12.43 6.84
N ASN A 108 6.69 13.63 6.26
CA ASN A 108 7.80 14.28 5.57
C ASN A 108 8.96 14.59 6.51
N PHE A 109 8.68 14.78 7.80
CA PHE A 109 9.77 15.03 8.76
C PHE A 109 10.75 13.89 8.82
N PHE A 110 10.33 12.68 8.43
CA PHE A 110 11.15 11.48 8.57
C PHE A 110 11.74 11.02 7.25
N ARG A 111 11.55 11.79 6.17
CA ARG A 111 12.17 11.47 4.89
C ARG A 111 13.67 11.20 5.05
N GLY A 112 14.19 10.36 4.14
CA GLY A 112 15.57 9.93 4.25
C GLY A 112 16.58 11.07 4.24
N ASP A 113 16.25 12.19 3.58
CA ASP A 113 17.14 13.35 3.59
C ASP A 113 16.89 14.30 4.75
N ARG A 114 15.76 14.17 5.47
CA ARG A 114 15.41 15.10 6.53
C ARG A 114 15.59 14.54 7.94
N CYS A 115 15.67 13.23 8.10
CA CYS A 115 15.98 12.59 9.38
C CYS A 115 17.12 11.63 9.09
N ARG A 116 18.35 12.13 9.13
CA ARG A 116 19.49 11.34 8.70
C ARG A 116 19.79 10.17 9.62
N SER A 117 19.48 10.29 10.92
CA SER A 117 19.76 9.16 11.79
C SER A 117 18.72 8.04 11.65
N LEU A 118 17.69 8.20 10.81
CA LEU A 118 16.80 7.11 10.47
C LEU A 118 16.95 6.67 9.01
N THR A 119 17.85 7.29 8.26
CA THR A 119 18.09 6.86 6.88
C THR A 119 18.43 5.38 6.84
N GLY A 120 17.76 4.63 5.95
CA GLY A 120 18.00 3.21 5.83
C GLY A 120 17.33 2.33 6.86
N LYS A 121 16.59 2.93 7.80
CA LYS A 121 15.90 2.20 8.85
C LYS A 121 14.38 2.25 8.62
N PRO A 122 13.66 1.21 9.02
CA PRO A 122 12.21 1.18 8.77
C PRO A 122 11.47 2.21 9.62
N LYS A 123 10.61 2.98 8.95
CA LYS A 123 9.78 4.00 9.57
C LYS A 123 8.33 3.57 9.38
N LEU A 124 7.67 3.18 10.47
CA LEU A 124 6.36 2.53 10.46
C LEU A 124 5.32 3.51 10.96
N PHE A 125 4.30 3.77 10.15
CA PHE A 125 3.19 4.63 10.53
C PHE A 125 1.91 3.80 10.54
N ILE A 126 1.30 3.69 11.71
CA ILE A 126 0.10 2.88 11.91
C ILE A 126 -1.06 3.84 12.11
N ILE A 127 -2.07 3.77 11.24
CA ILE A 127 -3.09 4.82 11.13
C ILE A 127 -4.49 4.24 11.30
N GLN A 128 -5.08 4.46 12.47
CA GLN A 128 -6.48 4.16 12.76
C GLN A 128 -7.25 5.46 12.62
N ALA A 129 -7.95 5.61 11.50
CA ALA A 129 -8.69 6.81 11.13
C ALA A 129 -9.46 6.52 9.86
N CYS A 130 -10.58 7.21 9.68
CA CYS A 130 -11.32 7.02 8.45
C CYS A 130 -10.54 7.62 7.28
N ARG A 131 -10.86 7.14 6.07
CA ARG A 131 -10.21 7.61 4.85
C ARG A 131 -11.25 8.06 3.84
N GLY A 132 -12.41 8.48 4.33
CA GLY A 132 -13.55 8.80 3.51
C GLY A 132 -14.80 8.31 4.19
N THR A 133 -15.88 8.28 3.42
CA THR A 133 -17.20 7.94 3.95
C THR A 133 -17.85 6.79 3.20
N GLU A 134 -17.06 5.95 2.51
N GLU A 134 -17.07 5.95 2.51
CA GLU A 134 -17.62 4.78 1.87
CA GLU A 134 -17.64 4.78 1.86
C GLU A 134 -17.80 3.64 2.87
C GLU A 134 -17.79 3.63 2.85
N LEU A 135 -18.82 2.82 2.63
CA LEU A 135 -19.12 1.66 3.46
C LEU A 135 -18.98 0.42 2.61
N ASP A 136 -18.40 -0.63 3.19
CA ASP A 136 -18.19 -1.89 2.52
C ASP A 136 -19.31 -2.83 2.97
N CYS A 137 -20.25 -3.14 2.07
CA CYS A 137 -21.36 -4.00 2.47
C CYS A 137 -20.98 -5.47 2.50
N GLY A 138 -19.83 -5.83 1.94
CA GLY A 138 -19.40 -7.21 1.98
C GLY A 138 -20.09 -8.05 0.94
N ILE A 139 -19.63 -9.30 0.84
CA ILE A 139 -20.20 -10.29 -0.07
C ILE A 139 -20.20 -11.63 0.66
N GLU A 140 -21.33 -12.33 0.60
CA GLU A 140 -21.52 -13.57 1.35
C GLU A 140 -20.65 -14.69 0.81
N LYS B 3 22.99 6.38 -3.58
CA LYS B 3 21.82 7.06 -3.02
C LYS B 3 20.66 6.10 -2.89
N ILE B 4 19.76 6.38 -1.95
CA ILE B 4 18.46 5.72 -1.89
C ILE B 4 17.40 6.80 -2.04
N PRO B 5 16.18 6.42 -2.43
CA PRO B 5 15.09 7.41 -2.50
C PRO B 5 14.77 7.94 -1.11
N VAL B 6 14.38 9.22 -1.05
CA VAL B 6 14.01 9.79 0.24
C VAL B 6 12.68 9.23 0.73
N GLU B 7 11.87 8.61 -0.13
CA GLU B 7 10.62 7.99 0.30
C GLU B 7 10.76 6.50 0.62
N ALA B 8 11.96 5.93 0.46
CA ALA B 8 12.18 4.54 0.79
C ALA B 8 12.15 4.28 2.29
N ASP B 9 11.83 3.03 2.64
CA ASP B 9 11.89 2.50 4.01
C ASP B 9 10.77 3.03 4.90
N PHE B 10 9.65 3.42 4.29
CA PHE B 10 8.42 3.73 5.02
C PHE B 10 7.44 2.59 4.85
N LEU B 11 6.66 2.33 5.89
CA LEU B 11 5.50 1.45 5.77
C LEU B 11 4.33 2.16 6.43
N TYR B 12 3.21 2.23 5.71
CA TYR B 12 1.99 2.83 6.25
C TYR B 12 0.97 1.72 6.41
N ALA B 13 0.65 1.38 7.66
CA ALA B 13 -0.31 0.32 7.94
C ALA B 13 -1.64 1.01 8.22
N TYR B 14 -2.45 1.16 7.17
CA TYR B 14 -3.73 1.84 7.29
C TYR B 14 -4.79 0.87 7.77
N SER B 15 -5.70 1.38 8.62
CA SER B 15 -6.75 0.52 9.15
C SER B 15 -7.80 0.14 8.12
N THR B 16 -7.90 0.88 7.02
CA THR B 16 -8.99 0.73 6.08
C THR B 16 -8.52 1.14 4.68
N ALA B 17 -9.28 0.70 3.68
CA ALA B 17 -8.97 0.96 2.28
C ALA B 17 -9.20 2.44 1.94
N PRO B 18 -8.51 2.95 0.92
CA PRO B 18 -8.72 4.36 0.54
C PRO B 18 -10.19 4.63 0.24
N GLY B 19 -10.68 5.75 0.77
CA GLY B 19 -12.05 6.16 0.53
C GLY B 19 -13.05 5.67 1.56
N TYR B 20 -12.67 4.77 2.46
CA TYR B 20 -13.63 4.09 3.32
C TYR B 20 -13.61 4.59 4.77
N TYR B 21 -14.76 4.44 5.42
CA TYR B 21 -14.81 4.50 6.87
C TYR B 21 -13.93 3.42 7.49
N SER B 22 -13.54 3.64 8.74
CA SER B 22 -12.86 2.66 9.59
C SER B 22 -13.68 2.48 10.87
N TRP B 23 -13.71 1.27 11.40
CA TRP B 23 -14.66 0.93 12.47
C TRP B 23 -14.00 0.76 13.84
N ARG B 24 -14.71 1.22 14.87
CA ARG B 24 -14.23 1.21 16.24
C ARG B 24 -15.34 0.70 17.16
N ASN B 25 -15.01 -0.21 18.04
CA ASN B 25 -15.95 -0.71 19.04
C ASN B 25 -15.77 0.06 20.35
N SER B 26 -16.89 0.51 20.93
CA SER B 26 -16.81 1.35 22.11
C SER B 26 -16.20 0.65 23.31
N LYS B 27 -16.25 -0.68 23.37
CA LYS B 27 -15.72 -1.43 24.50
C LYS B 27 -14.34 -2.01 24.24
N ASP B 28 -14.12 -2.54 23.05
CA ASP B 28 -12.92 -3.31 22.75
C ASP B 28 -11.89 -2.53 21.97
N GLY B 29 -12.22 -1.34 21.49
CA GLY B 29 -11.32 -0.56 20.65
C GLY B 29 -11.59 -0.78 19.17
N SER B 30 -10.71 -0.21 18.35
CA SER B 30 -10.89 -0.34 16.91
C SER B 30 -10.61 -1.77 16.45
N TRP B 31 -11.35 -2.21 15.43
CA TRP B 31 -11.12 -3.53 14.88
C TRP B 31 -9.67 -3.72 14.47
N PHE B 32 -9.10 -2.71 13.83
CA PHE B 32 -7.74 -2.82 13.30
C PHE B 32 -6.72 -2.93 14.42
N ILE B 33 -6.81 -2.06 15.43
CA ILE B 33 -5.79 -2.07 16.48
C ILE B 33 -5.93 -3.31 17.36
N GLN B 34 -7.18 -3.71 17.66
CA GLN B 34 -7.41 -4.99 18.32
C GLN B 34 -6.66 -6.10 17.61
N SER B 35 -6.87 -6.19 16.29
CA SER B 35 -6.29 -7.26 15.50
C SER B 35 -4.78 -7.13 15.37
N LEU B 36 -4.28 -5.91 15.18
CA LEU B 36 -2.83 -5.70 15.05
C LEU B 36 -2.12 -6.13 16.33
N CYS B 37 -2.65 -5.73 17.48
CA CYS B 37 -2.00 -6.11 18.72
C CYS B 37 -2.07 -7.62 18.95
N ALA B 38 -3.20 -8.25 18.59
CA ALA B 38 -3.32 -9.68 18.78
C ALA B 38 -2.32 -10.45 17.92
N MET B 39 -2.15 -10.00 16.68
CA MET B 39 -1.25 -10.69 15.75
C MET B 39 0.21 -10.43 16.11
N LEU B 40 0.55 -9.23 16.58
CA LEU B 40 1.91 -8.97 17.03
C LEU B 40 2.22 -9.79 18.28
N LYS B 41 1.25 -9.88 19.19
CA LYS B 41 1.46 -10.71 20.38
C LYS B 41 1.72 -12.16 20.00
N GLN B 42 0.96 -12.67 19.04
CA GLN B 42 1.06 -14.09 18.70
C GLN B 42 2.26 -14.40 17.82
N TYR B 43 2.62 -13.47 16.92
CA TYR B 43 3.52 -13.81 15.83
C TYR B 43 4.78 -12.96 15.72
N ALA B 44 4.98 -11.92 16.54
CA ALA B 44 6.15 -11.08 16.31
C ALA B 44 7.46 -11.83 16.54
N ASP B 45 7.44 -12.94 17.28
CA ASP B 45 8.66 -13.69 17.49
C ASP B 45 8.93 -14.72 16.38
N LYS B 46 8.06 -14.81 15.37
CA LYS B 46 8.14 -15.87 14.36
C LYS B 46 7.95 -15.41 12.92
N LEU B 47 7.13 -14.40 12.64
CA LEU B 47 6.75 -14.05 11.28
C LEU B 47 7.36 -12.72 10.86
N GLU B 48 7.64 -12.58 9.56
CA GLU B 48 8.02 -11.28 9.02
C GLU B 48 6.83 -10.32 9.09
N PHE B 49 7.13 -9.03 9.19
CA PHE B 49 6.08 -8.03 9.49
C PHE B 49 4.97 -7.98 8.43
N MET B 50 5.32 -8.08 7.13
CA MET B 50 4.24 -8.07 6.13
C MET B 50 3.33 -9.28 6.28
N HIS B 51 3.88 -10.42 6.70
CA HIS B 51 3.03 -11.58 6.93
C HIS B 51 2.18 -11.43 8.18
N ILE B 52 2.70 -10.76 9.20
CA ILE B 52 1.86 -10.41 10.35
C ILE B 52 0.70 -9.52 9.91
N LEU B 53 1.00 -8.50 9.10
CA LEU B 53 -0.04 -7.58 8.67
C LEU B 53 -1.05 -8.25 7.76
N THR B 54 -0.62 -9.26 6.98
CA THR B 54 -1.57 -10.02 6.18
C THR B 54 -2.53 -10.81 7.06
N ARG B 55 -2.03 -11.35 8.18
CA ARG B 55 -2.91 -12.01 9.15
C ARG B 55 -3.89 -11.00 9.76
N VAL B 56 -3.42 -9.78 10.00
CA VAL B 56 -4.29 -8.72 10.49
C VAL B 56 -5.38 -8.44 9.46
N ASN B 57 -4.99 -8.35 8.18
CA ASN B 57 -6.01 -8.16 7.15
C ASN B 57 -7.08 -9.25 7.22
N ARG B 58 -6.65 -10.50 7.33
CA ARG B 58 -7.61 -11.61 7.36
C ARG B 58 -8.50 -11.54 8.59
N LYS B 59 -7.92 -11.23 9.74
CA LYS B 59 -8.70 -11.17 10.98
C LYS B 59 -9.75 -10.07 10.93
N VAL B 60 -9.36 -8.86 10.48
CA VAL B 60 -10.33 -7.78 10.34
C VAL B 60 -11.41 -8.16 9.34
N ALA B 61 -11.01 -8.77 8.23
CA ALA B 61 -11.95 -9.07 7.15
C ALA B 61 -12.96 -10.15 7.52
N THR B 62 -12.55 -11.13 8.31
CA THR B 62 -13.41 -12.28 8.53
C THR B 62 -14.10 -12.27 9.90
N GLU B 63 -13.52 -11.65 10.93
CA GLU B 63 -14.03 -11.81 12.29
C GLU B 63 -14.84 -10.62 12.78
N PHE B 64 -14.99 -9.57 11.97
CA PHE B 64 -15.72 -8.39 12.40
C PHE B 64 -16.81 -8.02 11.41
N GLU B 65 -17.93 -7.55 11.93
CA GLU B 65 -19.02 -7.03 11.14
C GLU B 65 -19.76 -6.03 12.02
N SER B 66 -20.10 -4.87 11.46
CA SER B 66 -20.65 -3.83 12.33
C SER B 66 -22.02 -4.21 12.84
N PHE B 67 -22.31 -3.78 14.06
CA PHE B 67 -23.64 -3.87 14.65
C PHE B 67 -24.06 -2.45 15.00
N SER B 68 -25.14 -1.98 14.40
CA SER B 68 -25.58 -0.61 14.60
C SER B 68 -27.09 -0.55 14.65
N PHE B 69 -27.62 0.30 15.54
CA PHE B 69 -29.06 0.53 15.55
C PHE B 69 -29.50 1.30 14.31
N ASP B 70 -28.56 1.93 13.62
CA ASP B 70 -28.84 2.65 12.38
C ASP B 70 -28.64 1.65 11.25
N ALA B 71 -29.72 1.29 10.55
CA ALA B 71 -29.64 0.30 9.48
C ALA B 71 -28.62 0.69 8.42
N THR B 72 -28.43 1.98 8.20
CA THR B 72 -27.50 2.46 7.19
C THR B 72 -26.08 2.01 7.50
N PHE B 73 -25.76 1.86 8.78
CA PHE B 73 -24.41 1.55 9.24
C PHE B 73 -24.27 0.12 9.73
N HIS B 74 -25.28 -0.71 9.54
CA HIS B 74 -25.32 -2.05 10.13
C HIS B 74 -24.83 -3.11 9.16
N ALA B 75 -24.14 -4.12 9.69
CA ALA B 75 -23.68 -5.30 8.95
C ALA B 75 -22.63 -4.94 7.89
N LYS B 76 -21.78 -3.99 8.21
CA LYS B 76 -20.74 -3.52 7.30
C LYS B 76 -19.40 -4.18 7.61
N LYS B 77 -18.51 -4.14 6.61
CA LYS B 77 -17.24 -4.87 6.67
C LYS B 77 -16.07 -3.91 6.49
N GLN B 78 -14.86 -4.42 6.74
CA GLN B 78 -13.66 -3.59 6.65
C GLN B 78 -12.47 -4.43 6.21
N ILE B 79 -11.65 -3.90 5.31
CA ILE B 79 -10.35 -4.47 4.99
C ILE B 79 -9.29 -3.42 5.24
N PRO B 80 -8.21 -3.73 5.96
CA PRO B 80 -7.13 -2.75 6.12
C PRO B 80 -6.32 -2.65 4.83
N CYS B 81 -5.31 -1.78 4.82
CA CYS B 81 -4.59 -1.47 3.60
C CYS B 81 -3.12 -1.28 3.93
N ILE B 82 -2.28 -2.26 3.59
CA ILE B 82 -0.83 -2.22 3.86
C ILE B 82 -0.17 -1.49 2.70
N VAL B 83 0.59 -0.43 3.00
CA VAL B 83 1.28 0.33 1.96
C VAL B 83 2.78 0.30 2.29
N SER B 84 3.56 -0.47 1.52
CA SER B 84 4.95 -0.71 1.85
C SER B 84 5.88 -0.09 0.83
N MET B 85 6.69 0.86 1.29
CA MET B 85 7.89 1.28 0.57
C MET B 85 9.15 0.71 1.23
N LEU B 86 9.01 -0.41 1.95
CA LEU B 86 10.17 -1.01 2.60
C LEU B 86 11.06 -1.66 1.54
N THR B 87 12.37 -1.70 1.82
CA THR B 87 13.33 -2.33 0.92
C THR B 87 13.90 -3.64 1.47
N LYS B 88 13.52 -4.02 2.69
CA LYS B 88 14.01 -5.24 3.31
C LYS B 88 12.88 -5.87 4.12
N GLU B 89 13.06 -7.15 4.46
CA GLU B 89 12.17 -7.81 5.40
C GLU B 89 12.40 -7.30 6.82
N LEU B 90 11.34 -7.32 7.62
CA LEU B 90 11.37 -6.76 8.97
C LEU B 90 10.98 -7.87 9.94
N TYR B 91 11.92 -8.28 10.79
CA TYR B 91 11.68 -9.23 11.87
C TYR B 91 11.92 -8.50 13.20
N PHE B 92 10.96 -8.58 14.11
CA PHE B 92 11.09 -7.81 15.35
C PHE B 92 12.08 -8.44 16.33
N TYR B 93 12.39 -9.72 16.19
CA TYR B 93 13.40 -10.36 17.02
C TYR B 93 14.78 -10.24 16.37
N ASN C 2 -1.22 -18.68 6.48
CA ASN C 2 -2.23 -19.30 5.64
C ASN C 2 -2.12 -18.74 4.23
N SER C 3 -2.45 -19.56 3.22
CA SER C 3 -2.03 -19.31 1.84
C SER C 3 -3.20 -19.50 0.88
N TYR C 4 -3.26 -18.63 -0.13
CA TYR C 4 -4.26 -18.81 -1.17
C TYR C 4 -4.11 -20.15 -1.86
N LYS C 5 -5.25 -20.75 -2.19
CA LYS C 5 -5.30 -21.96 -3.01
C LYS C 5 -4.86 -21.64 -4.45
N MET C 6 -3.70 -22.15 -4.85
CA MET C 6 -3.18 -21.88 -6.19
C MET C 6 -3.12 -23.14 -7.05
N ASP C 7 -3.87 -24.17 -6.69
CA ASP C 7 -3.87 -25.41 -7.46
C ASP C 7 -5.22 -25.67 -8.14
N TYR C 8 -5.96 -24.60 -8.47
CA TYR C 8 -7.03 -24.71 -9.45
C TYR C 8 -6.44 -25.20 -10.78
N PRO C 9 -7.29 -25.67 -11.69
CA PRO C 9 -6.76 -26.17 -12.98
C PRO C 9 -5.92 -25.15 -13.73
N GLU C 10 -6.20 -23.85 -13.59
CA GLU C 10 -5.49 -22.80 -14.30
C GLU C 10 -5.00 -21.77 -13.30
N MET C 11 -3.78 -21.27 -13.50
CA MET C 11 -3.31 -20.15 -12.68
C MET C 11 -4.20 -18.91 -12.85
N GLY C 12 -4.65 -18.64 -14.06
CA GLY C 12 -5.52 -17.52 -14.32
C GLY C 12 -5.05 -16.72 -15.52
N LEU C 13 -5.79 -15.66 -15.81
CA LEU C 13 -5.42 -14.73 -16.88
C LEU C 13 -4.37 -13.75 -16.40
N CYS C 14 -3.53 -13.32 -17.34
CA CYS C 14 -2.65 -12.16 -17.15
C CYS C 14 -2.92 -11.23 -18.33
N ILE C 15 -3.65 -10.15 -18.06
CA ILE C 15 -3.98 -9.14 -19.06
C ILE C 15 -2.90 -8.06 -19.03
N ILE C 16 -2.26 -7.80 -20.17
CA ILE C 16 -1.22 -6.78 -20.28
C ILE C 16 -1.71 -5.71 -21.24
N ILE C 17 -1.92 -4.50 -20.74
CA ILE C 17 -2.30 -3.36 -21.57
C ILE C 17 -1.06 -2.50 -21.76
N ASN C 18 -0.56 -2.46 -23.00
CA ASN C 18 0.70 -1.81 -23.35
C ASN C 18 0.38 -0.58 -24.20
N ASN C 19 0.36 0.59 -23.56
CA ASN C 19 0.06 1.83 -24.28
C ASN C 19 1.37 2.58 -24.57
N LYS C 20 1.73 2.62 -25.84
CA LYS C 20 2.97 3.24 -26.30
C LYS C 20 2.74 4.55 -27.03
N ASN C 21 1.74 4.60 -27.89
CA ASN C 21 1.53 5.73 -28.79
C ASN C 21 0.23 6.40 -28.42
N PHE C 22 0.28 7.70 -28.13
CA PHE C 22 -0.87 8.47 -27.69
C PHE C 22 -1.28 9.46 -28.76
N HIS C 23 -2.58 9.74 -28.82
CA HIS C 23 -3.06 10.73 -29.79
C HIS C 23 -2.37 12.06 -29.55
N LYS C 24 -1.93 12.70 -30.64
CA LYS C 24 -1.23 13.98 -30.51
C LYS C 24 -2.02 14.98 -29.69
N SER C 25 -3.35 14.95 -29.79
CA SER C 25 -4.16 15.93 -29.09
C SER C 25 -4.04 15.81 -27.57
N THR C 26 -3.51 14.70 -27.06
CA THR C 26 -3.34 14.59 -25.62
C THR C 26 -2.04 15.22 -25.13
N GLY C 27 -1.11 15.47 -26.03
CA GLY C 27 0.18 16.02 -25.67
C GLY C 27 1.15 15.03 -25.02
N MET C 28 0.79 13.75 -24.91
CA MET C 28 1.66 12.84 -24.18
C MET C 28 2.70 12.21 -25.10
N THR C 29 3.87 11.98 -24.53
CA THR C 29 5.01 11.42 -25.25
C THR C 29 4.83 9.95 -25.57
N SER C 30 5.47 9.50 -26.65
CA SER C 30 5.58 8.09 -26.93
C SER C 30 6.44 7.42 -25.87
N ARG C 31 6.06 6.21 -25.47
CA ARG C 31 6.71 5.58 -24.32
C ARG C 31 7.74 4.54 -24.78
N SER C 32 8.79 5.04 -25.44
CA SER C 32 9.92 4.21 -25.84
C SER C 32 10.40 3.33 -24.70
N GLY C 33 10.52 2.03 -24.99
CA GLY C 33 10.94 1.04 -24.01
C GLY C 33 9.81 0.17 -23.51
N THR C 34 8.55 0.59 -23.70
CA THR C 34 7.45 -0.18 -23.16
C THR C 34 7.25 -1.51 -23.88
N ASP C 35 7.65 -1.61 -25.16
CA ASP C 35 7.52 -2.90 -25.84
C ASP C 35 8.42 -3.94 -25.20
N VAL C 36 9.60 -3.49 -24.74
CA VAL C 36 10.51 -4.38 -24.01
C VAL C 36 9.83 -4.88 -22.74
N ASP C 37 9.19 -3.98 -21.99
CA ASP C 37 8.43 -4.38 -20.80
C ASP C 37 7.36 -5.41 -21.16
N ALA C 38 6.58 -5.14 -22.20
CA ALA C 38 5.44 -6.01 -22.49
C ALA C 38 5.89 -7.42 -22.85
N ALA C 39 6.99 -7.54 -23.61
CA ALA C 39 7.50 -8.85 -23.97
C ALA C 39 8.12 -9.56 -22.77
N ASN C 40 8.79 -8.80 -21.89
CA ASN C 40 9.35 -9.34 -20.66
C ASN C 40 8.24 -9.93 -19.78
N LEU C 41 7.16 -9.17 -19.62
CA LEU C 41 6.03 -9.62 -18.81
C LEU C 41 5.36 -10.85 -19.42
N ARG C 42 5.16 -10.85 -20.73
CA ARG C 42 4.55 -12.00 -21.39
C ARG C 42 5.33 -13.28 -21.11
N GLU C 43 6.66 -13.21 -21.25
CA GLU C 43 7.48 -14.39 -21.03
C GLU C 43 7.51 -14.78 -19.56
N THR C 44 7.60 -13.79 -18.67
CA THR C 44 7.64 -14.07 -17.24
C THR C 44 6.38 -14.77 -16.78
N PHE C 45 5.22 -14.26 -17.18
CA PHE C 45 3.97 -14.88 -16.74
C PHE C 45 3.64 -16.13 -17.54
N ARG C 46 4.14 -16.29 -18.77
CA ARG C 46 4.05 -17.58 -19.44
C ARG C 46 4.75 -18.67 -18.63
N ASN C 47 5.96 -18.38 -18.13
CA ASN C 47 6.72 -19.32 -17.31
C ASN C 47 6.03 -19.64 -16.00
N LEU C 48 5.15 -18.77 -15.53
CA LEU C 48 4.34 -19.00 -14.34
C LEU C 48 3.02 -19.70 -14.66
N LYS C 49 2.79 -20.03 -15.94
CA LYS C 49 1.60 -20.77 -16.41
C LYS C 49 0.33 -19.92 -16.40
N TYR C 50 0.46 -18.60 -16.57
CA TYR C 50 -0.70 -17.76 -16.78
C TYR C 50 -1.08 -17.73 -18.26
N GLU C 51 -2.37 -17.55 -18.51
CA GLU C 51 -2.87 -17.33 -19.87
C GLU C 51 -2.72 -15.84 -20.14
N VAL C 52 -1.68 -15.49 -20.88
CA VAL C 52 -1.32 -14.09 -21.11
C VAL C 52 -2.05 -13.56 -22.33
N ARG C 53 -2.64 -12.37 -22.20
CA ARG C 53 -3.26 -11.66 -23.32
C ARG C 53 -2.63 -10.27 -23.37
N ASN C 54 -1.92 -9.99 -24.46
CA ASN C 54 -1.27 -8.70 -24.67
C ASN C 54 -2.17 -7.82 -25.52
N LYS C 55 -2.41 -6.60 -25.06
CA LYS C 55 -3.21 -5.62 -25.79
C LYS C 55 -2.38 -4.35 -25.94
N ASN C 56 -2.43 -3.73 -27.13
CA ASN C 56 -1.58 -2.58 -27.43
C ASN C 56 -2.43 -1.37 -27.79
N ASP C 57 -2.03 -0.21 -27.26
CA ASP C 57 -2.54 1.10 -27.68
C ASP C 57 -4.07 1.18 -27.65
N LEU C 58 -4.62 0.93 -26.46
CA LEU C 58 -6.06 0.97 -26.26
C LEU C 58 -6.52 2.37 -25.87
N THR C 59 -7.65 2.78 -26.43
CA THR C 59 -8.31 4.00 -25.97
C THR C 59 -8.88 3.79 -24.58
N ARG C 60 -9.27 4.89 -23.95
CA ARG C 60 -9.88 4.77 -22.63
C ARG C 60 -11.16 3.95 -22.70
N GLU C 61 -11.95 4.12 -23.76
CA GLU C 61 -13.16 3.31 -23.94
C GLU C 61 -12.82 1.83 -24.09
N GLU C 62 -11.74 1.53 -24.83
CA GLU C 62 -11.37 0.13 -25.04
C GLU C 62 -10.83 -0.49 -23.76
N ILE C 63 -10.12 0.27 -22.94
CA ILE C 63 -9.66 -0.25 -21.66
C ILE C 63 -10.86 -0.67 -20.80
N VAL C 64 -11.85 0.21 -20.70
CA VAL C 64 -13.01 -0.10 -19.85
C VAL C 64 -13.79 -1.29 -20.40
N GLU C 65 -13.99 -1.33 -21.73
CA GLU C 65 -14.72 -2.45 -22.33
C GLU C 65 -13.99 -3.76 -22.11
N LEU C 66 -12.65 -3.74 -22.25
CA LEU C 66 -11.89 -4.97 -22.08
C LEU C 66 -11.99 -5.48 -20.65
N MET C 67 -11.84 -4.57 -19.69
CA MET C 67 -11.93 -4.94 -18.28
C MET C 67 -13.31 -5.43 -17.91
N ARG C 68 -14.35 -4.72 -18.36
CA ARG C 68 -15.71 -5.19 -18.16
C ARG C 68 -15.88 -6.62 -18.68
N ASP C 69 -15.48 -6.85 -19.94
CA ASP C 69 -15.64 -8.16 -20.55
C ASP C 69 -14.88 -9.24 -19.79
N VAL C 70 -13.64 -8.96 -19.41
CA VAL C 70 -12.85 -9.96 -18.67
C VAL C 70 -13.50 -10.28 -17.34
N SER C 71 -14.01 -9.26 -16.65
CA SER C 71 -14.63 -9.52 -15.35
C SER C 71 -15.90 -10.32 -15.48
N LYS C 72 -16.49 -10.39 -16.67
CA LYS C 72 -17.70 -11.17 -16.89
C LYS C 72 -17.41 -12.60 -17.34
N GLU C 73 -16.15 -12.95 -17.58
CA GLU C 73 -15.81 -14.34 -17.86
C GLU C 73 -16.02 -15.20 -16.62
N ASP C 74 -16.11 -16.51 -16.86
CA ASP C 74 -16.17 -17.48 -15.77
C ASP C 74 -14.75 -17.82 -15.36
N HIS C 75 -14.34 -17.33 -14.19
CA HIS C 75 -13.01 -17.61 -13.62
C HIS C 75 -13.03 -18.76 -12.61
N SER C 76 -14.09 -19.59 -12.63
CA SER C 76 -14.25 -20.59 -11.57
C SER C 76 -13.06 -21.54 -11.48
N LYS C 77 -12.46 -21.88 -12.62
CA LYS C 77 -11.36 -22.83 -12.64
C LYS C 77 -9.99 -22.15 -12.60
N ARG C 78 -9.95 -20.85 -12.30
CA ARG C 78 -8.70 -20.09 -12.27
C ARG C 78 -8.35 -19.73 -10.83
N SER C 79 -7.05 -19.75 -10.51
CA SER C 79 -6.63 -19.50 -9.14
C SER C 79 -6.61 -18.01 -8.80
N SER C 80 -6.36 -17.18 -9.80
CA SER C 80 -6.01 -15.81 -9.53
C SER C 80 -6.29 -14.98 -10.78
N PHE C 81 -6.09 -13.67 -10.66
CA PHE C 81 -6.20 -12.78 -11.80
C PHE C 81 -5.09 -11.75 -11.75
N VAL C 82 -4.46 -11.49 -12.88
CA VAL C 82 -3.39 -10.50 -12.98
C VAL C 82 -3.71 -9.53 -14.09
N CYS C 83 -3.57 -8.24 -13.82
CA CYS C 83 -3.68 -7.19 -14.83
C CYS C 83 -2.47 -6.28 -14.73
N VAL C 84 -1.79 -6.06 -15.85
CA VAL C 84 -0.63 -5.18 -15.91
C VAL C 84 -0.99 -3.99 -16.80
N LEU C 85 -0.81 -2.80 -16.25
CA LEU C 85 -1.07 -1.55 -16.97
C LEU C 85 0.25 -0.82 -17.20
N LEU C 86 0.59 -0.58 -18.46
CA LEU C 86 1.79 0.15 -18.84
C LEU C 86 1.34 1.39 -19.60
N SER C 87 1.42 2.56 -18.97
CA SER C 87 0.95 3.77 -19.64
C SER C 87 1.47 5.01 -18.93
N HIS C 88 1.08 6.17 -19.45
CA HIS C 88 1.16 7.37 -18.65
C HIS C 88 0.10 7.33 -17.55
N GLY C 89 0.32 8.13 -16.53
CA GLY C 89 -0.66 8.19 -15.45
C GLY C 89 -0.47 9.43 -14.63
N GLU C 90 -1.43 9.65 -13.73
CA GLU C 90 -1.27 10.57 -12.61
C GLU C 90 -1.96 9.93 -11.42
N GLU C 91 -1.96 10.59 -10.27
CA GLU C 91 -2.46 9.91 -9.07
C GLU C 91 -3.90 9.45 -9.30
N GLY C 92 -4.13 8.15 -9.13
CA GLY C 92 -5.44 7.55 -9.30
C GLY C 92 -5.87 7.30 -10.74
N ILE C 93 -5.00 7.54 -11.72
CA ILE C 93 -5.39 7.61 -13.13
C ILE C 93 -4.37 6.88 -13.99
N ILE C 94 -4.83 6.11 -14.98
CA ILE C 94 -3.98 5.68 -16.09
C ILE C 94 -4.57 6.21 -17.38
N PHE C 95 -3.72 6.38 -18.39
CA PHE C 95 -4.19 6.98 -19.63
C PHE C 95 -4.44 5.94 -20.70
N GLY C 96 -5.63 6.01 -21.30
CA GLY C 96 -5.82 5.45 -22.62
C GLY C 96 -5.07 6.31 -23.63
N THR C 97 -5.06 5.84 -24.87
CA THR C 97 -4.35 6.59 -25.91
C THR C 97 -5.00 7.95 -26.14
N ASN C 98 -6.24 8.13 -25.70
CA ASN C 98 -7.00 9.34 -26.00
C ASN C 98 -7.47 10.07 -24.75
N GLY C 99 -6.99 9.69 -23.57
CA GLY C 99 -7.38 10.38 -22.38
C GLY C 99 -7.41 9.49 -21.15
N PRO C 100 -7.76 10.07 -20.02
CA PRO C 100 -7.62 9.37 -18.73
C PRO C 100 -8.78 8.46 -18.38
N VAL C 101 -8.47 7.43 -17.59
CA VAL C 101 -9.47 6.59 -16.94
C VAL C 101 -9.08 6.45 -15.47
N ASP C 102 -10.06 6.61 -14.58
CA ASP C 102 -9.86 6.37 -13.15
C ASP C 102 -9.49 4.90 -12.91
N LEU C 103 -8.40 4.68 -12.15
CA LEU C 103 -8.03 3.31 -11.83
C LEU C 103 -9.15 2.59 -11.08
N LYS C 104 -9.88 3.33 -10.23
CA LYS C 104 -10.96 2.71 -9.47
C LYS C 104 -12.05 2.14 -10.38
N LYS C 105 -12.31 2.78 -11.52
CA LYS C 105 -13.33 2.26 -12.43
C LYS C 105 -12.90 0.90 -13.01
N ILE C 106 -11.61 0.75 -13.31
CA ILE C 106 -11.08 -0.52 -13.80
C ILE C 106 -11.16 -1.59 -12.72
N THR C 107 -10.66 -1.29 -11.52
CA THR C 107 -10.58 -2.32 -10.50
C THR C 107 -11.94 -2.67 -9.91
N ASN C 108 -12.91 -1.75 -9.97
CA ASN C 108 -14.22 -2.04 -9.39
C ASN C 108 -14.91 -3.22 -10.10
N PHE C 109 -14.61 -3.44 -11.37
CA PHE C 109 -15.18 -4.59 -12.09
C PHE C 109 -14.88 -5.90 -11.38
N PHE C 110 -13.81 -5.97 -10.61
CA PHE C 110 -13.36 -7.22 -10.00
C PHE C 110 -13.69 -7.29 -8.52
N ARG C 111 -14.44 -6.32 -8.00
CA ARG C 111 -14.86 -6.34 -6.60
C ARG C 111 -15.49 -7.69 -6.24
N GLY C 112 -15.36 -8.05 -4.96
CA GLY C 112 -15.84 -9.36 -4.52
C GLY C 112 -17.31 -9.59 -4.80
N ASP C 113 -18.13 -8.53 -4.81
CA ASP C 113 -19.54 -8.68 -5.11
C ASP C 113 -19.88 -8.55 -6.59
N ARG C 114 -18.94 -8.11 -7.43
CA ARG C 114 -19.20 -7.89 -8.85
C ARG C 114 -18.57 -8.93 -9.77
N CYS C 115 -17.55 -9.66 -9.31
CA CYS C 115 -16.95 -10.76 -10.07
C CYS C 115 -16.92 -11.96 -9.12
N ARG C 116 -18.03 -12.71 -9.10
CA ARG C 116 -18.20 -13.74 -8.07
C ARG C 116 -17.26 -14.91 -8.26
N SER C 117 -16.85 -15.19 -9.49
CA SER C 117 -15.94 -16.31 -9.71
C SER C 117 -14.49 -15.95 -9.35
N LEU C 118 -14.22 -14.73 -8.90
CA LEU C 118 -12.93 -14.38 -8.31
C LEU C 118 -13.04 -14.04 -6.83
N THR C 119 -14.24 -14.10 -6.26
CA THR C 119 -14.36 -13.87 -4.81
C THR C 119 -13.44 -14.81 -4.06
N GLY C 120 -12.67 -14.26 -3.12
CA GLY C 120 -11.76 -15.05 -2.32
C GLY C 120 -10.43 -15.37 -2.98
N LYS C 121 -10.23 -14.95 -4.23
CA LYS C 121 -9.01 -15.21 -4.97
C LYS C 121 -8.21 -13.94 -5.15
N PRO C 122 -6.88 -14.05 -5.18
CA PRO C 122 -6.04 -12.84 -5.29
C PRO C 122 -6.21 -12.16 -6.65
N LYS C 123 -6.42 -10.84 -6.61
CA LYS C 123 -6.58 -10.01 -7.79
C LYS C 123 -5.42 -9.02 -7.80
N LEU C 124 -4.47 -9.21 -8.72
CA LEU C 124 -3.22 -8.47 -8.72
C LEU C 124 -3.24 -7.44 -9.85
N PHE C 125 -3.03 -6.17 -9.50
CA PHE C 125 -2.92 -5.09 -10.47
C PHE C 125 -1.51 -4.51 -10.40
N ILE C 126 -0.79 -4.61 -11.51
CA ILE C 126 0.60 -4.17 -11.60
C ILE C 126 0.61 -2.92 -12.46
N ILE C 127 1.05 -1.80 -11.91
CA ILE C 127 0.82 -0.49 -12.52
C ILE C 127 2.14 0.25 -12.74
N GLN C 128 2.58 0.31 -14.00
CA GLN C 128 3.72 1.11 -14.42
C GLN C 128 3.14 2.36 -15.08
N ALA C 129 3.14 3.47 -14.33
CA ALA C 129 2.59 4.75 -14.76
C ALA C 129 2.95 5.79 -13.72
N CYS C 130 3.04 7.06 -14.16
CA CYS C 130 3.34 8.08 -13.18
C CYS C 130 2.15 8.28 -12.24
N ARG C 131 2.43 8.85 -11.07
CA ARG C 131 1.40 9.11 -10.06
C ARG C 131 1.41 10.57 -9.65
N GLY C 132 1.87 11.45 -10.53
CA GLY C 132 2.09 12.84 -10.23
C GLY C 132 3.36 13.31 -10.90
N THR C 133 3.84 14.47 -10.47
CA THR C 133 5.01 15.09 -11.08
C THR C 133 6.13 15.36 -10.08
N GLU C 134 6.13 14.71 -8.92
CA GLU C 134 7.23 14.91 -7.99
C GLU C 134 8.43 14.06 -8.39
N LEU C 135 9.61 14.58 -8.09
CA LEU C 135 10.88 13.89 -8.34
C LEU C 135 11.53 13.59 -7.01
N ASP C 136 12.16 12.42 -6.92
CA ASP C 136 12.84 11.98 -5.70
C ASP C 136 14.33 12.23 -5.89
N CYS C 137 14.88 13.19 -5.16
CA CYS C 137 16.29 13.53 -5.38
C CYS C 137 17.25 12.57 -4.69
N GLY C 138 16.74 11.70 -3.82
CA GLY C 138 17.57 10.73 -3.16
C GLY C 138 18.38 11.33 -2.03
N ILE C 139 19.06 10.45 -1.32
CA ILE C 139 19.98 10.83 -0.24
C ILE C 139 21.14 9.85 -0.25
N GLU C 140 22.36 10.38 -0.15
CA GLU C 140 23.57 9.56 -0.24
C GLU C 140 23.75 8.66 0.98
N LYS D 3 -19.43 -13.38 5.44
CA LYS D 3 -19.07 -12.33 4.47
C LYS D 3 -17.62 -11.86 4.54
N ILE D 4 -17.10 -11.41 3.41
CA ILE D 4 -15.80 -10.75 3.36
C ILE D 4 -16.02 -9.38 2.76
N PRO D 5 -15.10 -8.43 3.00
CA PRO D 5 -15.20 -7.12 2.36
C PRO D 5 -15.08 -7.26 0.85
N VAL D 6 -15.84 -6.41 0.13
CA VAL D 6 -15.76 -6.43 -1.32
C VAL D 6 -14.42 -5.88 -1.83
N GLU D 7 -13.68 -5.14 -1.00
CA GLU D 7 -12.35 -4.64 -1.37
C GLU D 7 -11.22 -5.58 -0.97
N ALA D 8 -11.54 -6.71 -0.32
CA ALA D 8 -10.53 -7.68 0.09
C ALA D 8 -9.97 -8.47 -1.10
N ASP D 9 -8.73 -8.96 -0.92
CA ASP D 9 -8.01 -9.85 -1.85
C ASP D 9 -7.56 -9.13 -3.11
N PHE D 10 -7.30 -7.84 -3.00
CA PHE D 10 -6.65 -7.08 -4.07
C PHE D 10 -5.23 -6.77 -3.65
N LEU D 11 -4.34 -6.75 -4.64
CA LEU D 11 -3.01 -6.20 -4.45
C LEU D 11 -2.71 -5.28 -5.61
N TYR D 12 -2.25 -4.07 -5.28
CA TYR D 12 -1.85 -3.08 -6.27
C TYR D 12 -0.36 -2.87 -6.14
N ALA D 13 0.40 -3.32 -7.13
CA ALA D 13 1.85 -3.17 -7.10
C ALA D 13 2.17 -1.97 -7.97
N TYR D 14 2.27 -0.80 -7.36
CA TYR D 14 2.56 0.42 -8.09
C TYR D 14 4.06 0.56 -8.30
N SER D 15 4.43 1.09 -9.48
CA SER D 15 5.84 1.31 -9.80
C SER D 15 6.50 2.40 -8.97
N THR D 16 5.71 3.32 -8.38
CA THR D 16 6.26 4.50 -7.74
C THR D 16 5.34 4.94 -6.60
N ALA D 17 5.88 5.80 -5.73
CA ALA D 17 5.14 6.30 -4.57
C ALA D 17 4.06 7.30 -4.99
N PRO D 18 3.02 7.46 -4.19
CA PRO D 18 1.98 8.45 -4.51
C PRO D 18 2.58 9.84 -4.74
N GLY D 19 2.13 10.48 -5.81
CA GLY D 19 2.56 11.82 -6.13
C GLY D 19 3.77 11.91 -7.04
N TYR D 20 4.44 10.80 -7.32
CA TYR D 20 5.74 10.83 -7.98
C TYR D 20 5.69 10.37 -9.42
N TYR D 21 6.62 10.91 -10.22
CA TYR D 21 6.97 10.34 -11.51
C TYR D 21 7.45 8.89 -11.34
N SER D 22 7.32 8.12 -12.42
CA SER D 22 7.89 6.78 -12.56
C SER D 22 8.82 6.79 -13.76
N TRP D 23 9.91 6.03 -13.69
CA TRP D 23 10.99 6.14 -14.66
C TRP D 23 11.05 4.95 -15.63
N ARG D 24 11.35 5.24 -16.89
CA ARG D 24 11.38 4.24 -17.95
C ARG D 24 12.65 4.45 -18.78
N ASN D 25 13.37 3.36 -19.02
CA ASN D 25 14.56 3.42 -19.88
C ASN D 25 14.18 3.07 -21.30
N SER D 26 14.63 3.90 -22.25
CA SER D 26 14.19 3.75 -23.63
C SER D 26 14.63 2.42 -24.24
N LYS D 27 15.71 1.83 -23.75
CA LYS D 27 16.25 0.58 -24.31
C LYS D 27 15.86 -0.64 -23.50
N ASP D 28 15.81 -0.53 -22.16
CA ASP D 28 15.66 -1.68 -21.29
C ASP D 28 14.26 -1.80 -20.69
N GLY D 29 13.42 -0.79 -20.87
CA GLY D 29 12.09 -0.77 -20.27
C GLY D 29 12.07 -0.04 -18.96
N SER D 30 10.90 -0.05 -18.32
CA SER D 30 10.75 0.67 -17.06
C SER D 30 11.58 -0.01 -15.97
N TRP D 31 12.12 0.80 -15.07
CA TRP D 31 12.89 0.27 -13.95
C TRP D 31 12.07 -0.77 -13.18
N PHE D 32 10.80 -0.45 -12.93
CA PHE D 32 9.97 -1.32 -12.10
C PHE D 32 9.70 -2.66 -12.79
N ILE D 33 9.34 -2.64 -14.08
CA ILE D 33 9.00 -3.90 -14.74
C ILE D 33 10.25 -4.73 -14.97
N GLN D 34 11.36 -4.09 -15.36
CA GLN D 34 12.66 -4.80 -15.38
C GLN D 34 12.88 -5.55 -14.09
N SER D 35 12.75 -4.85 -12.97
CA SER D 35 13.06 -5.43 -11.67
C SER D 35 12.04 -6.49 -11.27
N LEU D 36 10.76 -6.24 -11.55
CA LEU D 36 9.71 -7.19 -11.20
C LEU D 36 9.91 -8.52 -11.94
N CYS D 37 10.17 -8.43 -13.24
CA CYS D 37 10.38 -9.65 -14.01
C CYS D 37 11.64 -10.38 -13.56
N ALA D 38 12.71 -9.64 -13.23
CA ALA D 38 13.92 -10.28 -12.76
C ALA D 38 13.69 -11.00 -11.45
N MET D 39 12.95 -10.38 -10.53
CA MET D 39 12.76 -11.00 -9.22
C MET D 39 11.78 -12.17 -9.30
N LEU D 40 10.77 -12.10 -10.18
CA LEU D 40 9.90 -13.25 -10.35
C LEU D 40 10.68 -14.41 -10.97
N LYS D 41 11.54 -14.13 -11.94
CA LYS D 41 12.33 -15.20 -12.54
C LYS D 41 13.21 -15.88 -11.51
N GLN D 42 13.79 -15.09 -10.61
CA GLN D 42 14.73 -15.64 -9.64
C GLN D 42 14.05 -16.23 -8.42
N TYR D 43 12.90 -15.70 -8.00
CA TYR D 43 12.37 -16.07 -6.70
C TYR D 43 10.94 -16.61 -6.69
N ALA D 44 10.26 -16.69 -7.83
CA ALA D 44 8.88 -17.20 -7.79
C ALA D 44 8.81 -18.63 -7.29
N ASP D 45 9.90 -19.39 -7.39
CA ASP D 45 9.89 -20.75 -6.89
C ASP D 45 10.42 -20.85 -5.45
N LYS D 46 10.68 -19.70 -4.80
CA LYS D 46 11.35 -19.69 -3.49
C LYS D 46 10.66 -18.83 -2.43
N LEU D 47 10.03 -17.73 -2.83
CA LEU D 47 9.58 -16.72 -1.86
C LEU D 47 8.10 -16.40 -2.03
N GLU D 48 7.48 -16.01 -0.91
CA GLU D 48 6.13 -15.45 -0.94
C GLU D 48 6.10 -14.14 -1.71
N PHE D 49 4.95 -13.82 -2.31
CA PHE D 49 4.88 -12.69 -3.25
C PHE D 49 5.21 -11.35 -2.61
N MET D 50 4.81 -11.08 -1.35
CA MET D 50 5.20 -9.78 -0.80
C MET D 50 6.69 -9.68 -0.59
N HIS D 51 7.33 -10.80 -0.31
CA HIS D 51 8.78 -10.78 -0.16
C HIS D 51 9.47 -10.62 -1.51
N ILE D 52 8.88 -11.15 -2.58
CA ILE D 52 9.40 -10.88 -3.92
C ILE D 52 9.29 -9.39 -4.22
N LEU D 53 8.12 -8.79 -3.91
CA LEU D 53 7.93 -7.38 -4.20
C LEU D 53 8.81 -6.49 -3.35
N THR D 54 9.15 -6.93 -2.12
CA THR D 54 10.12 -6.20 -1.32
C THR D 54 11.50 -6.23 -1.97
N ARG D 55 11.88 -7.36 -2.59
N ARG D 55 11.88 -7.36 -2.60
CA ARG D 55 13.13 -7.41 -3.35
CA ARG D 55 13.13 -7.40 -3.35
C ARG D 55 13.08 -6.44 -4.53
C ARG D 55 13.08 -6.45 -4.54
N VAL D 56 11.91 -6.32 -5.16
CA VAL D 56 11.75 -5.38 -6.27
C VAL D 56 11.92 -3.95 -5.76
N ASN D 57 11.31 -3.63 -4.62
CA ASN D 57 11.53 -2.31 -4.04
C ASN D 57 13.03 -2.03 -3.86
N ARG D 58 13.77 -2.98 -3.30
CA ARG D 58 15.19 -2.74 -3.04
C ARG D 58 15.97 -2.59 -4.35
N LYS D 59 15.65 -3.43 -5.34
CA LYS D 59 16.34 -3.35 -6.63
C LYS D 59 16.12 -1.99 -7.30
N VAL D 60 14.86 -1.55 -7.37
CA VAL D 60 14.59 -0.23 -7.96
C VAL D 60 15.28 0.87 -7.17
N ALA D 61 15.24 0.79 -5.84
CA ALA D 61 15.76 1.87 -5.00
C ALA D 61 17.27 1.97 -5.05
N THR D 62 17.97 0.86 -5.22
CA THR D 62 19.43 0.87 -5.09
C THR D 62 20.16 0.79 -6.43
N GLU D 63 19.60 0.15 -7.45
CA GLU D 63 20.34 -0.12 -8.66
C GLU D 63 20.04 0.84 -9.81
N PHE D 64 19.11 1.78 -9.62
CA PHE D 64 18.74 2.69 -10.68
C PHE D 64 18.87 4.14 -10.24
N GLU D 65 19.29 4.97 -11.17
CA GLU D 65 19.34 6.42 -10.98
C GLU D 65 19.22 7.03 -12.36
N SER D 66 18.42 8.09 -12.48
CA SER D 66 18.14 8.58 -13.82
C SER D 66 19.36 9.23 -14.42
N PHE D 67 19.48 9.10 -15.74
CA PHE D 67 20.50 9.79 -16.51
C PHE D 67 19.76 10.63 -17.54
N SER D 68 19.92 11.95 -17.46
CA SER D 68 19.18 12.85 -18.33
C SER D 68 20.06 14.01 -18.74
N PHE D 69 19.94 14.42 -20.01
CA PHE D 69 20.62 15.61 -20.47
C PHE D 69 20.00 16.87 -19.87
N ASP D 70 18.78 16.77 -19.37
CA ASP D 70 18.11 17.84 -18.63
C ASP D 70 18.52 17.71 -17.16
N ALA D 71 19.24 18.72 -16.64
CA ALA D 71 19.75 18.63 -15.28
C ALA D 71 18.63 18.53 -14.25
N THR D 72 17.48 19.16 -14.53
CA THR D 72 16.38 19.09 -13.57
C THR D 72 15.81 17.68 -13.44
N PHE D 73 16.06 16.81 -14.42
CA PHE D 73 15.57 15.45 -14.37
C PHE D 73 16.68 14.42 -14.18
N HIS D 74 17.89 14.89 -13.89
CA HIS D 74 19.06 14.02 -13.79
C HIS D 74 19.31 13.56 -12.35
N ALA D 75 19.79 12.33 -12.22
CA ALA D 75 20.26 11.75 -10.95
C ALA D 75 19.12 11.59 -9.95
N LYS D 76 17.93 11.27 -10.45
CA LYS D 76 16.74 11.09 -9.62
C LYS D 76 16.53 9.61 -9.28
N LYS D 77 15.73 9.37 -8.25
CA LYS D 77 15.55 8.03 -7.70
C LYS D 77 14.09 7.65 -7.68
N GLN D 78 13.82 6.39 -7.38
CA GLN D 78 12.46 5.87 -7.37
C GLN D 78 12.29 4.76 -6.34
N ILE D 79 11.17 4.77 -5.62
CA ILE D 79 10.76 3.65 -4.78
C ILE D 79 9.37 3.20 -5.22
N PRO D 80 9.16 1.90 -5.49
CA PRO D 80 7.81 1.43 -5.78
C PRO D 80 6.96 1.39 -4.53
N CYS D 81 5.69 1.04 -4.68
CA CYS D 81 4.73 1.19 -3.60
C CYS D 81 3.79 0.00 -3.63
N ILE D 82 3.96 -0.93 -2.68
CA ILE D 82 3.15 -2.13 -2.59
C ILE D 82 1.91 -1.82 -1.77
N VAL D 83 0.72 -2.03 -2.35
CA VAL D 83 -0.53 -1.76 -1.64
C VAL D 83 -1.31 -3.07 -1.54
N SER D 84 -1.36 -3.67 -0.35
CA SER D 84 -1.94 -5.00 -0.20
C SER D 84 -3.21 -4.97 0.63
N MET D 85 -4.30 -5.42 0.02
CA MET D 85 -5.50 -5.78 0.76
C MET D 85 -5.66 -7.31 0.72
N LEU D 86 -4.55 -8.04 0.53
CA LEU D 86 -4.63 -9.50 0.52
C LEU D 86 -4.87 -10.01 1.93
N THR D 87 -5.52 -11.17 2.03
CA THR D 87 -5.83 -11.79 3.32
C THR D 87 -5.04 -13.07 3.53
N LYS D 88 -4.23 -13.49 2.56
CA LYS D 88 -3.46 -14.72 2.67
C LYS D 88 -2.13 -14.51 1.98
N GLU D 89 -1.19 -15.41 2.28
CA GLU D 89 0.10 -15.46 1.61
C GLU D 89 -0.09 -16.01 0.19
N LEU D 90 0.73 -15.52 -0.74
CA LEU D 90 0.62 -15.89 -2.14
C LEU D 90 1.92 -16.53 -2.60
N TYR D 91 1.86 -17.82 -2.96
CA TYR D 91 3.01 -18.54 -3.49
C TYR D 91 2.70 -18.99 -4.91
N PHE D 92 3.65 -18.79 -5.82
CA PHE D 92 3.46 -19.25 -7.19
C PHE D 92 3.89 -20.69 -7.39
N TYR D 93 4.60 -21.27 -6.43
CA TYR D 93 5.05 -22.65 -6.50
C TYR D 93 4.13 -23.57 -5.72
N HIS D 94 4.23 -24.86 -6.01
CA HIS D 94 3.32 -25.86 -5.45
C HIS D 94 3.54 -26.06 -3.95
N VAL E 2 -21.81 -1.14 20.86
CA VAL E 2 -21.90 -1.16 19.41
C VAL E 2 -20.73 -0.44 18.69
N ASP E 3 -20.77 -0.46 17.37
CA ASP E 3 -19.64 0.02 16.58
C ASP E 3 -19.91 1.45 16.08
N PHE E 4 -18.84 2.22 15.97
CA PHE E 4 -18.89 3.58 15.45
C PHE E 4 -17.82 3.74 14.39
N VAL E 5 -18.02 4.70 13.49
CA VAL E 5 -17.05 4.98 12.43
C VAL E 5 -16.11 6.10 12.86
N VAL F 2 18.53 6.86 -22.70
CA VAL F 2 18.33 7.75 -21.58
C VAL F 2 17.01 7.36 -20.88
N ASP F 3 16.81 7.94 -19.72
CA ASP F 3 15.61 7.67 -18.93
C ASP F 3 14.58 8.76 -19.18
N PHE F 4 13.31 8.35 -19.20
CA PHE F 4 12.17 9.24 -19.44
C PHE F 4 11.15 8.99 -18.35
N VAL F 5 10.30 10.00 -18.07
CA VAL F 5 9.28 9.81 -17.04
C VAL F 5 7.95 9.38 -17.67
#